data_5DDV
#
_entry.id   5DDV
#
_cell.length_a   64.470
_cell.length_b   85.732
_cell.length_c   45.824
_cell.angle_alpha   90.00
_cell.angle_beta   90.00
_cell.angle_gamma   90.00
#
_symmetry.space_group_name_H-M   'P 21 21 2'
#
loop_
_entity.id
_entity.type
_entity.pdbx_description
1 polymer '2-C-methyl-D-erythritol 4-phosphate cytidylyltransferase'
2 water water
#
_entity_poly.entity_id   1
_entity_poly.type   'polypeptide(L)'
_entity_poly.pdbx_seq_one_letter_code
;MSYDVVIPAAGQGKRMKAGRNKLFIELKGDPVIIHTLRVFDSHRQCDKIILVINEQEREHFQQLLSDYPFQTSIELVAGG
DERQHSVYKGLKAVKQEKIVLVHDGARPFIKHEQIDELIAEAEQTGAAILAVPVKDTIKRVQDLQVSETIERSSLWAVQT
PQAFRLSLLMKAHAEAERKGFLGTDDASLVEQMEGGSVRVVEGSYTNIKLTTPDDLTSAEAIMESESGNKHV
;
_entity_poly.pdbx_strand_id   A
#
# COMPACT_ATOMS: atom_id res chain seq x y z
N MET A 1 -18.20 6.26 -1.78
CA MET A 1 -18.95 5.24 -0.99
C MET A 1 -17.87 4.30 -0.39
N SER A 2 -17.96 3.00 -0.66
CA SER A 2 -17.15 2.00 0.00
C SER A 2 -16.06 1.51 -0.94
N TYR A 3 -15.14 0.71 -0.42
CA TYR A 3 -13.96 0.25 -1.17
C TYR A 3 -13.48 -1.13 -0.73
N ASP A 4 -12.74 -1.78 -1.62
CA ASP A 4 -11.87 -2.90 -1.25
C ASP A 4 -10.46 -2.37 -1.14
N VAL A 5 -9.68 -2.99 -0.24
CA VAL A 5 -8.26 -2.73 -0.09
C VAL A 5 -7.46 -4.00 -0.43
N VAL A 6 -6.46 -3.82 -1.31
CA VAL A 6 -5.51 -4.84 -1.66
C VAL A 6 -4.20 -4.47 -0.96
N ILE A 7 -3.68 -5.45 -0.24
CA ILE A 7 -2.41 -5.38 0.46
C ILE A 7 -1.47 -6.48 -0.08
N PRO A 8 -0.45 -6.08 -0.85
CA PRO A 8 0.59 -7.02 -1.26
C PRO A 8 1.49 -7.50 -0.08
N ALA A 9 1.45 -8.79 0.20
CA ALA A 9 2.26 -9.39 1.26
C ALA A 9 3.13 -10.55 0.76
N ALA A 10 3.62 -10.48 -0.48
CA ALA A 10 4.58 -11.51 -0.98
C ALA A 10 6.12 -11.21 -0.70
N GLY A 11 6.40 -10.02 -0.20
CA GLY A 11 7.76 -9.59 0.09
C GLY A 11 8.42 -8.86 -1.06
N GLN A 12 7.62 -8.11 -1.82
CA GLN A 12 8.12 -7.05 -2.68
C GLN A 12 7.24 -5.80 -2.49
N ARG A 15 12.38 -10.30 -0.02
CA ARG A 15 11.72 -11.60 0.06
C ARG A 15 12.36 -12.61 1.05
N MET A 16 11.54 -13.15 1.96
CA MET A 16 12.03 -13.93 3.09
C MET A 16 11.50 -15.33 2.93
N LYS A 17 12.04 -16.21 3.73
CA LYS A 17 11.61 -17.59 3.65
C LYS A 17 10.26 -17.72 4.39
N ALA A 18 9.54 -18.80 4.09
CA ALA A 18 8.15 -19.01 4.58
C ALA A 18 8.09 -18.89 6.07
N GLY A 19 7.17 -18.08 6.57
CA GLY A 19 7.00 -17.88 8.02
C GLY A 19 7.74 -16.65 8.52
N ARG A 20 8.70 -16.17 7.72
CA ARG A 20 9.55 -15.09 8.14
C ARG A 20 9.21 -13.79 7.46
N ASN A 21 7.98 -13.68 6.91
CA ASN A 21 7.50 -12.39 6.38
C ASN A 21 7.80 -11.27 7.38
N LYS A 22 8.36 -10.18 6.87
CA LYS A 22 8.49 -8.93 7.65
C LYS A 22 7.17 -8.46 8.28
N LEU A 23 6.05 -8.77 7.68
CA LEU A 23 4.74 -8.39 8.29
C LEU A 23 4.41 -9.14 9.61
N PHE A 24 5.08 -10.27 9.89
CA PHE A 24 4.94 -10.97 11.19
C PHE A 24 5.79 -10.39 12.33
N ILE A 25 6.55 -9.33 12.09
CA ILE A 25 7.36 -8.77 13.16
C ILE A 25 6.39 -8.13 14.17
N GLU A 26 6.57 -8.45 15.45
CA GLU A 26 5.60 -8.16 16.51
C GLU A 26 5.83 -6.77 17.02
N LEU A 27 4.74 -6.04 17.17
CA LEU A 27 4.77 -4.64 17.59
C LEU A 27 3.82 -4.57 18.77
N LYS A 28 4.37 -4.26 19.94
CA LYS A 28 3.69 -4.48 21.21
C LYS A 28 2.96 -5.82 21.25
N GLY A 29 3.62 -6.92 20.86
CA GLY A 29 3.01 -8.27 20.96
C GLY A 29 2.06 -8.76 19.85
N ASP A 30 1.75 -7.92 18.87
CA ASP A 30 0.89 -8.29 17.71
C ASP A 30 1.68 -8.01 16.44
N PRO A 31 1.62 -8.92 15.45
CA PRO A 31 2.27 -8.62 14.16
C PRO A 31 1.84 -7.31 13.55
N VAL A 32 2.78 -6.65 12.91
CA VAL A 32 2.55 -5.39 12.19
C VAL A 32 1.28 -5.47 11.28
N ILE A 33 1.14 -6.56 10.57
CA ILE A 33 0.00 -6.74 9.71
C ILE A 33 -1.32 -6.68 10.46
N ILE A 34 -1.35 -7.23 11.65
CA ILE A 34 -2.53 -7.12 12.48
C ILE A 34 -2.93 -5.66 12.73
N HIS A 35 -1.98 -4.83 13.14
CA HIS A 35 -2.22 -3.42 13.43
C HIS A 35 -2.79 -2.74 12.20
N THR A 36 -2.27 -3.11 11.03
CA THR A 36 -2.73 -2.51 9.82
C THR A 36 -4.16 -2.98 9.52
N LEU A 37 -4.42 -4.29 9.70
CA LEU A 37 -5.72 -4.88 9.36
C LEU A 37 -6.82 -4.28 10.19
N ARG A 38 -6.53 -4.06 11.48
CA ARG A 38 -7.49 -3.42 12.40
C ARG A 38 -7.96 -2.01 11.95
N VAL A 39 -7.07 -1.24 11.31
CA VAL A 39 -7.47 0.05 10.75
C VAL A 39 -8.62 -0.11 9.73
N PHE A 40 -8.48 -1.07 8.82
CA PHE A 40 -9.50 -1.27 7.73
C PHE A 40 -10.74 -2.00 8.21
N ASP A 41 -10.53 -2.94 9.11
CA ASP A 41 -11.64 -3.53 9.82
C ASP A 41 -12.55 -2.52 10.54
N SER A 42 -11.96 -1.59 11.31
CA SER A 42 -12.74 -0.58 12.05
C SER A 42 -13.32 0.51 11.15
N HIS A 43 -12.90 0.57 9.88
CA HIS A 43 -13.40 1.55 8.94
C HIS A 43 -14.69 1.10 8.25
N ARG A 44 -15.75 1.88 8.42
CA ARG A 44 -17.08 1.49 8.05
C ARG A 44 -17.15 1.26 6.52
N GLN A 45 -16.41 2.04 5.73
CA GLN A 45 -16.53 1.99 4.26
C GLN A 45 -15.65 0.93 3.61
N CYS A 46 -14.81 0.23 4.39
CA CYS A 46 -14.02 -0.86 3.82
C CYS A 46 -14.88 -2.13 3.75
N ASP A 47 -15.19 -2.57 2.53
CA ASP A 47 -16.02 -3.75 2.30
C ASP A 47 -15.25 -5.04 2.51
N LYS A 48 -13.99 -5.06 2.04
CA LYS A 48 -13.22 -6.26 2.02
C LYS A 48 -11.72 -5.97 1.96
N ILE A 49 -10.93 -6.90 2.53
CA ILE A 49 -9.49 -6.84 2.54
C ILE A 49 -8.96 -8.00 1.72
N ILE A 50 -8.17 -7.68 0.70
CA ILE A 50 -7.54 -8.67 -0.14
C ILE A 50 -6.00 -8.71 0.13
N LEU A 51 -5.57 -9.79 0.73
CA LEU A 51 -4.20 -9.95 1.14
C LEU A 51 -3.54 -10.90 0.16
N VAL A 52 -2.60 -10.37 -0.60
CA VAL A 52 -1.94 -11.07 -1.64
C VAL A 52 -0.66 -11.69 -1.11
N ILE A 53 -0.59 -13.02 -1.17
CA ILE A 53 0.44 -13.77 -0.45
C ILE A 53 1.17 -14.70 -1.38
N ASN A 54 2.30 -15.21 -0.89
CA ASN A 54 2.94 -16.36 -1.52
C ASN A 54 2.19 -17.59 -1.05
N GLU A 55 1.95 -18.51 -1.95
CA GLU A 55 1.23 -19.75 -1.63
C GLU A 55 1.84 -20.49 -0.44
N GLN A 56 3.16 -20.54 -0.39
CA GLN A 56 3.88 -21.20 0.70
C GLN A 56 3.52 -20.70 2.11
N GLU A 57 3.13 -19.42 2.20
CA GLU A 57 2.85 -18.77 3.47
C GLU A 57 1.38 -18.76 3.80
N ARG A 58 0.56 -19.45 3.00
CA ARG A 58 -0.88 -19.47 3.15
C ARG A 58 -1.29 -19.95 4.53
N GLU A 59 -0.65 -21.01 4.98
CA GLU A 59 -0.96 -21.65 6.24
C GLU A 59 -0.61 -20.71 7.39
N HIS A 60 0.51 -20.03 7.27
CA HIS A 60 0.93 -19.08 8.28
C HIS A 60 -0.06 -17.94 8.40
N PHE A 61 -0.55 -17.43 7.27
CA PHE A 61 -1.56 -16.37 7.27
C PHE A 61 -2.89 -16.82 7.81
N GLN A 62 -3.31 -18.03 7.43
CA GLN A 62 -4.51 -18.64 7.97
C GLN A 62 -4.48 -18.78 9.49
N GLN A 63 -3.41 -19.34 10.00
CA GLN A 63 -3.21 -19.43 11.46
C GLN A 63 -3.24 -18.06 12.15
N LEU A 64 -2.55 -17.10 11.54
CA LEU A 64 -2.53 -15.76 12.09
C LEU A 64 -3.93 -15.16 12.10
N LEU A 65 -4.73 -15.39 11.06
CA LEU A 65 -6.06 -14.81 11.01
C LEU A 65 -7.00 -15.49 11.99
N SER A 66 -6.85 -16.81 12.21
CA SER A 66 -7.70 -17.48 13.19
C SER A 66 -7.38 -16.99 14.63
N ASP A 67 -6.12 -16.70 14.90
CA ASP A 67 -5.72 -16.04 16.17
C ASP A 67 -6.35 -14.66 16.42
N TYR A 68 -6.61 -13.94 15.33
CA TYR A 68 -7.16 -12.61 15.41
C TYR A 68 -8.38 -12.57 14.48
N PRO A 69 -9.60 -12.75 15.04
CA PRO A 69 -10.75 -12.71 14.17
C PRO A 69 -11.17 -11.26 13.86
N PHE A 70 -11.77 -11.08 12.70
CA PHE A 70 -12.28 -9.78 12.28
C PHE A 70 -13.66 -9.93 11.67
N GLN A 71 -14.43 -8.87 11.83
CA GLN A 71 -15.75 -8.78 11.26
C GLN A 71 -15.65 -8.66 9.75
N THR A 72 -14.78 -7.76 9.29
CA THR A 72 -14.52 -7.54 7.85
C THR A 72 -13.93 -8.76 7.17
N SER A 73 -14.46 -9.08 6.01
CA SER A 73 -14.07 -10.22 5.25
C SER A 73 -12.61 -10.03 4.75
N ILE A 74 -11.79 -11.07 4.88
CA ILE A 74 -10.40 -11.05 4.45
C ILE A 74 -10.16 -12.28 3.59
N GLU A 75 -9.65 -12.10 2.38
CA GLU A 75 -9.30 -13.18 1.46
C GLU A 75 -7.80 -13.23 1.23
N LEU A 76 -7.28 -14.46 1.20
CA LEU A 76 -5.91 -14.73 0.88
C LEU A 76 -5.89 -15.10 -0.59
N VAL A 77 -5.18 -14.31 -1.37
CA VAL A 77 -5.14 -14.50 -2.83
C VAL A 77 -3.70 -14.64 -3.16
N ALA A 78 -3.36 -15.67 -3.94
CA ALA A 78 -1.96 -15.97 -4.29
C ALA A 78 -1.41 -14.94 -5.27
N GLY A 79 -0.18 -14.52 -5.04
CA GLY A 79 0.44 -13.45 -5.79
C GLY A 79 1.42 -13.99 -6.76
N GLY A 80 2.34 -13.13 -7.17
CA GLY A 80 3.40 -13.45 -8.13
C GLY A 80 4.74 -13.09 -7.56
N ASP A 81 5.73 -12.94 -8.43
CA ASP A 81 7.12 -12.80 -7.97
C ASP A 81 7.52 -11.36 -7.78
N GLU A 82 6.77 -10.42 -8.38
CA GLU A 82 6.93 -8.96 -8.15
C GLU A 82 5.70 -8.34 -7.53
N ARG A 83 5.92 -7.22 -6.84
CA ARG A 83 4.86 -6.38 -6.22
C ARG A 83 3.70 -6.01 -7.16
N GLN A 84 4.04 -5.49 -8.33
CA GLN A 84 3.07 -5.14 -9.40
C GLN A 84 2.19 -6.30 -9.88
N HIS A 85 2.80 -7.45 -10.13
CA HIS A 85 2.10 -8.69 -10.55
C HIS A 85 1.12 -9.15 -9.46
N SER A 86 1.61 -9.19 -8.21
CA SER A 86 0.79 -9.43 -7.03
C SER A 86 -0.40 -8.46 -6.84
N VAL A 87 -0.14 -7.13 -6.97
CA VAL A 87 -1.22 -6.15 -6.85
C VAL A 87 -2.32 -6.45 -7.87
N TYR A 88 -1.89 -6.69 -9.11
CA TYR A 88 -2.80 -6.97 -10.21
C TYR A 88 -3.65 -8.25 -9.99
N LYS A 89 -3.05 -9.35 -9.56
CA LYS A 89 -3.80 -10.56 -9.12
C LYS A 89 -4.82 -10.27 -7.98
N GLY A 90 -4.42 -9.40 -7.07
CA GLY A 90 -5.33 -8.85 -6.06
C GLY A 90 -6.50 -8.09 -6.65
N LEU A 91 -6.23 -7.17 -7.58
CA LEU A 91 -7.29 -6.36 -8.17
C LEU A 91 -8.27 -7.23 -8.97
N LYS A 92 -7.77 -8.35 -9.54
CA LYS A 92 -8.58 -9.38 -10.21
C LYS A 92 -9.61 -10.07 -9.34
N ALA A 93 -9.48 -10.00 -8.00
CA ALA A 93 -10.45 -10.56 -7.08
C ALA A 93 -11.53 -9.53 -6.59
N VAL A 94 -11.46 -8.26 -6.98
CA VAL A 94 -12.53 -7.28 -6.72
C VAL A 94 -13.78 -7.52 -7.61
N LYS A 95 -14.89 -7.85 -6.99
CA LYS A 95 -16.07 -8.42 -7.67
C LYS A 95 -17.03 -7.48 -8.38
N GLN A 96 -16.88 -6.18 -8.18
CA GLN A 96 -17.65 -5.22 -8.94
C GLN A 96 -16.92 -3.90 -9.02
N GLU A 97 -17.39 -3.05 -9.90
CA GLU A 97 -16.82 -1.74 -10.07
C GLU A 97 -17.02 -0.91 -8.81
N LYS A 98 -15.90 -0.42 -8.29
CA LYS A 98 -15.90 0.38 -7.09
C LYS A 98 -14.53 0.96 -6.90
N ILE A 99 -14.40 1.75 -5.85
CA ILE A 99 -13.13 2.30 -5.46
C ILE A 99 -12.28 1.20 -4.81
N VAL A 100 -11.03 1.16 -5.22
CA VAL A 100 -10.05 0.20 -4.70
C VAL A 100 -8.86 0.98 -4.16
N LEU A 101 -8.40 0.57 -2.99
CA LEU A 101 -7.16 1.10 -2.42
C LEU A 101 -6.08 0.07 -2.53
N VAL A 102 -4.83 0.53 -2.63
CA VAL A 102 -3.70 -0.38 -2.53
C VAL A 102 -2.84 0.14 -1.40
N HIS A 103 -2.46 -0.73 -0.48
CA HIS A 103 -1.81 -0.30 0.75
C HIS A 103 -0.72 -1.24 1.25
N ASP A 104 0.38 -0.61 1.57
CA ASP A 104 1.42 -1.26 2.30
C ASP A 104 1.06 -1.87 3.66
N GLY A 105 1.21 -3.19 3.79
CA GLY A 105 0.99 -3.91 5.04
C GLY A 105 1.76 -3.37 6.23
N ALA A 106 2.92 -2.80 5.95
CA ALA A 106 3.83 -2.29 6.98
C ALA A 106 3.68 -0.82 7.24
N ARG A 107 2.53 -0.26 6.86
CA ARG A 107 2.13 1.10 7.22
C ARG A 107 0.90 1.09 8.13
N PRO A 108 1.08 0.80 9.44
CA PRO A 108 -0.06 0.65 10.35
C PRO A 108 -0.70 1.90 10.89
N PHE A 109 -0.16 3.09 10.62
CA PHE A 109 -0.60 4.32 11.28
C PHE A 109 -1.44 5.21 10.42
N ILE A 110 -1.91 4.69 9.32
CA ILE A 110 -2.91 5.40 8.52
C ILE A 110 -4.17 5.67 9.33
N LYS A 111 -4.73 6.86 9.17
CA LYS A 111 -5.91 7.35 9.89
C LYS A 111 -7.10 7.36 8.97
N HIS A 112 -8.28 7.00 9.51
CA HIS A 112 -9.51 6.97 8.73
C HIS A 112 -9.80 8.28 8.00
N GLU A 113 -9.36 9.41 8.58
CA GLU A 113 -9.51 10.75 7.97
C GLU A 113 -8.85 10.80 6.61
N GLN A 114 -7.62 10.26 6.55
CA GLN A 114 -6.82 10.27 5.33
C GLN A 114 -7.43 9.35 4.27
N ILE A 115 -7.80 8.17 4.68
CA ILE A 115 -8.53 7.28 3.77
C ILE A 115 -9.78 7.97 3.19
N ASP A 116 -10.62 8.55 4.05
CA ASP A 116 -11.84 9.27 3.60
C ASP A 116 -11.56 10.34 2.51
N GLU A 117 -10.59 11.20 2.78
CA GLU A 117 -10.10 12.19 1.79
C GLU A 117 -9.60 11.57 0.49
N LEU A 118 -8.88 10.45 0.58
CA LEU A 118 -8.45 9.72 -0.63
C LEU A 118 -9.58 9.09 -1.41
N ILE A 119 -10.54 8.47 -0.73
CA ILE A 119 -11.74 7.96 -1.45
C ILE A 119 -12.48 9.08 -2.21
N ALA A 120 -12.56 10.27 -1.62
CA ALA A 120 -13.29 11.39 -2.24
C ALA A 120 -12.64 11.78 -3.55
N GLU A 121 -11.29 11.92 -3.53
CA GLU A 121 -10.52 12.26 -4.74
C GLU A 121 -10.60 11.21 -5.84
N ALA A 122 -10.40 9.94 -5.48
CA ALA A 122 -10.48 8.84 -6.44
C ALA A 122 -11.83 8.78 -7.11
N GLU A 123 -12.88 8.93 -6.32
CA GLU A 123 -14.25 8.95 -6.85
C GLU A 123 -14.43 10.18 -7.75
N GLN A 124 -13.90 11.31 -7.32
CA GLN A 124 -14.05 12.57 -8.07
C GLN A 124 -13.28 12.51 -9.39
N THR A 125 -11.96 12.28 -9.34
CA THR A 125 -11.09 12.42 -10.50
C THR A 125 -10.44 11.10 -11.04
N GLY A 126 -10.54 10.00 -10.30
CA GLY A 126 -10.10 8.64 -10.75
C GLY A 126 -8.91 7.97 -10.04
N ALA A 127 -7.96 8.78 -9.56
CA ALA A 127 -6.72 8.31 -8.97
C ALA A 127 -6.19 9.30 -7.90
N ALA A 128 -5.83 8.78 -6.72
CA ALA A 128 -5.29 9.59 -5.66
C ALA A 128 -4.30 8.84 -4.75
N ILE A 129 -3.33 9.61 -4.25
CA ILE A 129 -2.27 9.11 -3.45
C ILE A 129 -2.04 10.05 -2.27
N LEU A 130 -1.51 9.45 -1.22
CA LEU A 130 -1.13 10.15 -0.03
C LEU A 130 0.33 10.46 -0.20
N ALA A 131 0.71 11.68 0.14
CA ALA A 131 2.09 12.08 0.13
C ALA A 131 2.31 13.26 1.03
N VAL A 132 3.56 13.54 1.33
CA VAL A 132 3.94 14.66 2.22
C VAL A 132 5.10 15.41 1.59
N PRO A 133 5.20 16.74 1.83
CA PRO A 133 6.37 17.42 1.28
C PRO A 133 7.71 16.80 1.69
N VAL A 134 8.59 16.60 0.73
CA VAL A 134 9.99 16.35 1.02
C VAL A 134 10.57 17.54 1.82
N LYS A 135 11.22 17.27 2.95
CA LYS A 135 11.84 18.31 3.83
C LYS A 135 13.37 18.48 3.66
N ASP A 136 14.05 17.41 3.32
CA ASP A 136 15.49 17.37 3.09
C ASP A 136 15.88 17.65 1.62
N THR A 137 17.10 18.17 1.44
CA THR A 137 17.79 18.29 0.14
C THR A 137 18.00 16.87 -0.42
N ILE A 138 17.74 16.71 -1.70
CA ILE A 138 17.86 15.45 -2.38
C ILE A 138 18.91 15.61 -3.45
N LYS A 139 19.85 14.67 -3.48
CA LYS A 139 20.88 14.63 -4.48
C LYS A 139 20.96 13.23 -5.14
N ARG A 140 21.31 13.25 -6.41
CA ARG A 140 21.66 12.07 -7.19
C ARG A 140 23.14 11.91 -7.08
N VAL A 141 23.55 10.67 -6.94
CA VAL A 141 24.85 10.30 -6.48
C VAL A 141 25.28 9.06 -7.30
N GLN A 142 26.42 9.17 -7.98
CA GLN A 142 27.06 8.03 -8.66
C GLN A 142 28.37 7.68 -7.92
N ASP A 143 28.45 6.42 -7.42
CA ASP A 143 29.63 5.86 -6.73
C ASP A 143 30.13 6.71 -5.55
N LEU A 144 29.18 7.09 -4.68
CA LEU A 144 29.37 8.07 -3.57
C LEU A 144 29.89 9.46 -3.97
N GLN A 145 29.54 9.92 -5.17
CA GLN A 145 29.99 11.16 -5.74
C GLN A 145 28.76 11.88 -6.29
N VAL A 146 28.47 13.08 -5.80
CA VAL A 146 27.27 13.83 -6.17
C VAL A 146 27.40 14.17 -7.64
N SER A 147 26.36 13.82 -8.39
CA SER A 147 26.24 14.20 -9.80
C SER A 147 25.31 15.39 -9.97
N GLU A 148 24.26 15.50 -9.14
CA GLU A 148 23.40 16.71 -9.13
C GLU A 148 22.61 16.88 -7.82
N THR A 149 22.15 18.12 -7.61
CA THR A 149 21.16 18.47 -6.61
C THR A 149 19.78 18.67 -7.24
N ILE A 150 18.84 17.81 -6.84
CA ILE A 150 17.46 17.79 -7.37
C ILE A 150 16.72 18.95 -6.75
N GLU A 151 16.01 19.70 -7.61
CA GLU A 151 15.37 20.95 -7.24
C GLU A 151 14.12 20.62 -6.37
N ARG A 152 14.12 21.14 -5.14
CA ARG A 152 13.25 20.67 -4.07
C ARG A 152 11.87 21.26 -4.05
N SER A 153 11.64 22.41 -4.66
CA SER A 153 10.40 23.18 -4.32
C SER A 153 9.09 22.32 -4.38
N SER A 154 8.91 21.50 -5.41
CA SER A 154 7.60 20.85 -5.57
C SER A 154 7.66 19.33 -5.44
N LEU A 155 8.60 18.83 -4.62
CA LEU A 155 8.79 17.42 -4.47
C LEU A 155 8.04 16.90 -3.23
N TRP A 156 7.39 15.72 -3.42
CA TRP A 156 6.63 15.05 -2.37
C TRP A 156 7.09 13.62 -2.21
N ALA A 157 7.13 13.16 -0.95
CA ALA A 157 7.43 11.80 -0.59
C ALA A 157 6.11 11.02 -0.57
N VAL A 158 6.03 9.94 -1.35
CA VAL A 158 4.78 9.24 -1.57
C VAL A 158 4.58 8.07 -0.56
N GLN A 159 3.37 7.97 -0.05
CA GLN A 159 2.96 6.97 0.91
C GLN A 159 1.92 6.05 0.21
N THR A 160 1.31 5.18 1.01
CA THR A 160 0.09 4.45 0.68
C THR A 160 -0.90 4.75 1.79
N PRO A 161 -2.20 4.62 1.56
CA PRO A 161 -2.78 4.03 0.36
C PRO A 161 -2.82 4.94 -0.86
N GLN A 162 -3.10 4.29 -1.96
CA GLN A 162 -3.42 4.90 -3.23
C GLN A 162 -4.78 4.32 -3.64
N ALA A 163 -5.68 5.22 -3.98
CA ALA A 163 -7.08 4.94 -4.24
C ALA A 163 -7.43 5.29 -5.71
N PHE A 164 -8.19 4.40 -6.33
CA PHE A 164 -8.47 4.46 -7.76
C PHE A 164 -9.85 3.91 -7.98
N ARG A 165 -10.44 4.28 -9.10
CA ARG A 165 -11.55 3.53 -9.62
C ARG A 165 -10.96 2.25 -10.13
N LEU A 166 -11.59 1.14 -9.79
CA LEU A 166 -11.08 -0.18 -10.17
C LEU A 166 -10.81 -0.27 -11.67
N SER A 167 -11.77 0.19 -12.46
CA SER A 167 -11.68 0.12 -13.92
C SER A 167 -10.41 0.82 -14.39
N LEU A 168 -10.11 1.96 -13.79
CA LEU A 168 -8.96 2.76 -14.18
C LEU A 168 -7.65 2.05 -13.85
N LEU A 169 -7.45 1.70 -12.58
CA LEU A 169 -6.26 0.95 -12.18
C LEU A 169 -6.08 -0.39 -12.91
N MET A 170 -7.19 -1.07 -13.18
CA MET A 170 -7.16 -2.35 -13.92
C MET A 170 -6.64 -2.11 -15.32
N LYS A 171 -7.13 -1.03 -15.93
CA LYS A 171 -6.72 -0.65 -17.30
C LYS A 171 -5.26 -0.31 -17.30
N ALA A 172 -4.84 0.54 -16.34
CA ALA A 172 -3.41 0.88 -16.19
C ALA A 172 -2.51 -0.35 -16.00
N HIS A 173 -2.95 -1.31 -15.19
CA HIS A 173 -2.21 -2.60 -15.05
C HIS A 173 -2.20 -3.44 -16.32
N ALA A 174 -3.32 -3.48 -17.03
CA ALA A 174 -3.38 -4.30 -18.24
C ALA A 174 -2.42 -3.69 -19.29
N GLU A 175 -2.50 -2.37 -19.47
CA GLU A 175 -1.67 -1.69 -20.46
C GLU A 175 -0.22 -1.89 -20.19
N ALA A 176 0.17 -1.63 -18.93
CA ALA A 176 1.53 -1.88 -18.49
C ALA A 176 2.01 -3.33 -18.77
N GLU A 177 1.20 -4.32 -18.43
CA GLU A 177 1.60 -5.72 -18.62
C GLU A 177 1.71 -6.06 -20.11
N ARG A 178 0.81 -5.53 -20.93
CA ARG A 178 0.76 -5.90 -22.34
C ARG A 178 2.02 -5.43 -23.05
N LYS A 179 2.60 -4.33 -22.55
CA LYS A 179 3.85 -3.82 -23.04
C LYS A 179 5.09 -3.99 -22.15
N GLY A 180 5.06 -4.87 -21.15
CA GLY A 180 6.20 -5.08 -20.24
C GLY A 180 6.82 -3.91 -19.45
N PHE A 181 6.01 -2.91 -19.12
CA PHE A 181 6.42 -1.78 -18.27
C PHE A 181 6.37 -2.14 -16.76
N LEU A 182 7.45 -1.85 -16.04
CA LEU A 182 7.60 -2.15 -14.65
C LEU A 182 7.59 -0.83 -13.91
N GLY A 183 6.47 -0.56 -13.25
CA GLY A 183 6.27 0.66 -12.46
C GLY A 183 6.87 0.51 -11.08
N THR A 184 6.97 1.61 -10.36
CA THR A 184 7.34 1.51 -8.96
C THR A 184 6.06 1.33 -8.12
N ASP A 185 5.28 2.40 -7.99
CA ASP A 185 3.98 2.34 -7.32
C ASP A 185 2.84 2.29 -8.34
N ASP A 186 1.64 2.13 -7.81
CA ASP A 186 0.50 2.02 -8.68
C ASP A 186 0.23 3.30 -9.45
N ALA A 187 0.39 4.46 -8.80
CA ALA A 187 0.20 5.74 -9.51
C ALA A 187 1.04 5.82 -10.80
N SER A 188 2.23 5.29 -10.78
CA SER A 188 3.09 5.42 -11.96
C SER A 188 2.55 4.68 -13.15
N LEU A 189 1.72 3.64 -12.90
CA LEU A 189 1.03 2.94 -14.01
C LEU A 189 -0.04 3.80 -14.65
N VAL A 190 -0.73 4.58 -13.84
CA VAL A 190 -1.77 5.48 -14.34
C VAL A 190 -1.10 6.63 -15.09
N GLU A 191 -0.03 7.19 -14.53
CA GLU A 191 0.77 8.26 -15.17
C GLU A 191 1.26 7.86 -16.54
N GLN A 192 1.70 6.62 -16.67
CA GLN A 192 2.18 6.09 -17.93
C GLN A 192 1.10 6.04 -19.06
N MET A 193 -0.20 6.00 -18.72
CA MET A 193 -1.27 5.98 -19.76
C MET A 193 -1.38 7.35 -20.45
N GLU A 194 -1.93 7.37 -21.66
CA GLU A 194 -2.16 8.64 -22.39
C GLU A 194 -3.25 9.41 -21.64
N GLY A 195 -3.03 10.68 -21.35
CA GLY A 195 -4.02 11.45 -20.52
C GLY A 195 -4.13 11.09 -19.04
N GLY A 196 -3.40 10.05 -18.61
CA GLY A 196 -3.48 9.60 -17.23
C GLY A 196 -3.07 10.70 -16.28
N SER A 197 -3.85 10.84 -15.22
CA SER A 197 -3.74 11.94 -14.28
C SER A 197 -3.96 11.44 -12.83
N VAL A 198 -3.12 11.90 -11.91
CA VAL A 198 -3.11 11.48 -10.51
C VAL A 198 -3.01 12.69 -9.58
N ARG A 199 -3.86 12.73 -8.54
CA ARG A 199 -3.86 13.83 -7.59
C ARG A 199 -3.37 13.45 -6.17
N VAL A 200 -2.91 14.46 -5.45
CA VAL A 200 -2.25 14.25 -4.16
C VAL A 200 -3.12 14.72 -3.02
N VAL A 201 -3.29 13.86 -2.03
CA VAL A 201 -3.80 14.31 -0.74
C VAL A 201 -2.62 14.29 0.21
N GLU A 202 -2.45 15.40 0.92
CA GLU A 202 -1.33 15.54 1.82
C GLU A 202 -1.68 14.74 3.05
N GLY A 203 -0.79 13.83 3.40
CA GLY A 203 -0.90 13.03 4.58
C GLY A 203 -0.06 13.54 5.73
N SER A 204 0.35 12.62 6.58
CA SER A 204 1.00 12.92 7.87
C SER A 204 2.33 12.19 7.98
N TYR A 205 3.27 12.80 8.72
CA TYR A 205 4.61 12.28 8.87
C TYR A 205 4.61 11.06 9.74
N THR A 206 3.52 10.82 10.49
CA THR A 206 3.44 9.59 11.27
C THR A 206 3.11 8.31 10.44
N ASN A 207 2.68 8.44 9.19
CA ASN A 207 2.30 7.29 8.41
C ASN A 207 3.53 6.58 7.86
N ILE A 208 4.33 6.03 8.78
CA ILE A 208 5.60 5.40 8.44
C ILE A 208 5.47 3.89 8.11
N LYS A 209 6.42 3.46 7.31
CA LYS A 209 6.60 2.13 6.88
C LYS A 209 7.61 1.50 7.86
N LEU A 210 7.27 0.34 8.42
CA LEU A 210 8.13 -0.39 9.37
C LEU A 210 8.85 -1.60 8.73
N THR A 211 10.11 -1.43 8.31
CA THR A 211 10.98 -2.55 7.87
C THR A 211 12.06 -2.90 8.92
N THR A 212 12.95 -1.93 9.20
CA THR A 212 14.11 -2.08 10.12
C THR A 212 13.73 -1.96 11.63
N PRO A 213 14.64 -2.38 12.54
CA PRO A 213 14.42 -2.29 13.99
C PRO A 213 14.30 -0.86 14.58
N ASP A 214 14.95 0.11 13.94
CA ASP A 214 14.75 1.53 14.30
C ASP A 214 13.36 2.05 13.99
N ASP A 215 12.78 1.53 12.92
CA ASP A 215 11.37 1.77 12.64
C ASP A 215 10.47 1.29 13.80
N LEU A 216 10.66 0.06 14.30
CA LEU A 216 9.90 -0.42 15.50
C LEU A 216 9.91 0.58 16.66
N THR A 217 11.11 1.03 17.00
CA THR A 217 11.31 2.02 18.04
C THR A 217 10.53 3.31 17.77
N SER A 218 10.56 3.77 16.52
CA SER A 218 9.81 4.95 16.17
C SER A 218 8.30 4.61 16.23
N ALA A 219 7.91 3.41 15.80
CA ALA A 219 6.51 2.92 15.94
C ALA A 219 5.99 2.92 17.38
N GLU A 220 6.81 2.42 18.29
CA GLU A 220 6.40 2.21 19.67
C GLU A 220 6.13 3.53 20.36
N ALA A 221 6.90 4.54 19.97
CA ALA A 221 6.70 5.92 20.39
C ALA A 221 5.47 6.61 19.78
N ILE A 222 5.16 6.31 18.52
CA ILE A 222 3.89 6.82 17.89
C ILE A 222 2.63 6.18 18.54
N MET A 223 2.69 4.89 18.86
CA MET A 223 1.62 4.21 19.63
C MET A 223 1.38 4.95 20.96
N GLU A 224 2.39 4.90 21.84
CA GLU A 224 2.33 5.42 23.22
C GLU A 224 1.78 6.83 23.26
N SER A 225 2.21 7.64 22.29
CA SER A 225 1.65 8.98 22.01
C SER A 225 0.26 8.88 21.36
#